data_1DWP
#
_entry.id   1DWP
#
_cell.length_a   106.600
_cell.length_b   106.600
_cell.length_c   189.000
_cell.angle_alpha   90.00
_cell.angle_beta   90.00
_cell.angle_gamma   90.00
#
_symmetry.space_group_name_H-M   'P 41 21 2'
#
loop_
_entity.id
_entity.type
_entity.pdbx_description
1 polymer 'HYDROXYNITRILE LYASE'
2 non-polymer 'ACETATE ION'
3 water water
#
_entity_poly.entity_id   1
_entity_poly.type   'polypeptide(L)'
_entity_poly.pdbx_seq_one_letter_code
;PISKMVTAHFVLIHTICHGAWIWHKLKPALERAGHKVTALDMAASGIDPRQIEQINSFDEYSEPLLTFLEKLPQGEKVII
VGESCAGLNIAIAADRYVDKIAAGVFHNSLLPDTVHSPSYTVEKLLESFPDWRDTEYFTFTNITGETITTMKLGFVLLRE
NLFTKCTDGEYELAKMVMRKGSLFQNVLAQRPKFTEKGYGSIKKVYIWTDQDKIFLPDFQRWQIANYKPDKVYQVQGGDH
KLQLTKTEEVAHILQEVADAYA
;
_entity_poly.pdbx_strand_id   A,B
#
loop_
_chem_comp.id
_chem_comp.type
_chem_comp.name
_chem_comp.formula
ACT non-polymer 'ACETATE ION' 'C2 H3 O2 -1'
#
# COMPACT_ATOMS: atom_id res chain seq x y z
N PRO A 1 -39.17 7.52 -19.44
CA PRO A 1 -40.53 6.99 -19.51
C PRO A 1 -40.82 6.51 -18.08
N ILE A 2 -39.93 5.58 -17.69
CA ILE A 2 -39.66 5.13 -16.33
C ILE A 2 -38.13 5.04 -16.50
N SER A 3 -37.52 5.70 -15.55
CA SER A 3 -36.09 5.83 -15.40
C SER A 3 -35.77 5.01 -14.14
N LYS A 4 -34.57 4.44 -13.98
CA LYS A 4 -34.21 3.60 -12.85
C LYS A 4 -32.81 3.97 -12.38
N MET A 5 -32.54 4.00 -11.08
CA MET A 5 -31.18 4.24 -10.59
C MET A 5 -30.97 3.19 -9.49
N VAL A 6 -29.88 2.46 -9.42
CA VAL A 6 -29.71 1.37 -8.48
C VAL A 6 -28.43 1.54 -7.64
N THR A 7 -28.39 1.11 -6.34
CA THR A 7 -27.13 1.12 -5.57
C THR A 7 -26.75 -0.36 -5.46
N ALA A 8 -25.44 -0.64 -5.55
CA ALA A 8 -25.03 -2.01 -5.74
C ALA A 8 -23.88 -2.28 -4.77
N HIS A 9 -23.40 -3.51 -4.66
CA HIS A 9 -22.25 -3.90 -3.88
C HIS A 9 -21.25 -4.32 -4.95
N PHE A 10 -20.19 -3.53 -5.08
CA PHE A 10 -19.08 -3.86 -5.97
C PHE A 10 -17.96 -4.52 -5.19
N VAL A 11 -17.40 -5.61 -5.71
CA VAL A 11 -16.24 -6.24 -5.12
C VAL A 11 -15.13 -5.97 -6.13
N LEU A 12 -14.12 -5.17 -5.75
CA LEU A 12 -13.05 -4.76 -6.60
C LEU A 12 -11.87 -5.70 -6.43
N ILE A 13 -11.42 -6.28 -7.55
CA ILE A 13 -10.34 -7.27 -7.55
C ILE A 13 -9.10 -6.82 -8.39
N HIS A 14 -8.01 -6.51 -7.71
CA HIS A 14 -6.72 -6.15 -8.30
C HIS A 14 -6.07 -7.21 -9.20
N THR A 15 -5.04 -6.85 -9.96
CA THR A 15 -4.33 -7.84 -10.75
C THR A 15 -3.15 -8.40 -9.95
N ILE A 16 -2.43 -9.40 -10.49
CA ILE A 16 -1.29 -9.99 -9.82
C ILE A 16 -0.25 -8.89 -9.60
N CYS A 17 0.53 -9.08 -8.54
CA CYS A 17 1.57 -8.18 -8.07
C CYS A 17 0.97 -6.99 -7.30
N HIS A 18 -0.29 -6.61 -7.56
CA HIS A 18 -0.83 -5.39 -7.00
C HIS A 18 -1.60 -5.78 -5.74
N GLY A 19 -2.47 -4.92 -5.18
CA GLY A 19 -3.30 -5.27 -4.05
C GLY A 19 -4.53 -4.38 -4.09
N ALA A 20 -5.33 -4.46 -3.03
CA ALA A 20 -6.56 -3.71 -2.89
C ALA A 20 -6.27 -2.21 -2.98
N TRP A 21 -5.06 -1.79 -2.56
CA TRP A 21 -4.62 -0.39 -2.63
C TRP A 21 -4.82 0.29 -4.01
N ILE A 22 -4.86 -0.40 -5.19
CA ILE A 22 -4.98 0.34 -6.50
C ILE A 22 -6.38 0.91 -6.58
N TRP A 23 -7.32 0.39 -5.77
CA TRP A 23 -8.67 0.88 -5.79
C TRP A 23 -8.88 2.01 -4.80
N HIS A 24 -7.80 2.59 -4.28
CA HIS A 24 -8.01 3.57 -3.25
C HIS A 24 -8.64 4.86 -3.73
N LYS A 25 -8.69 5.18 -5.01
CA LYS A 25 -9.38 6.35 -5.49
C LYS A 25 -10.81 5.96 -5.95
N LEU A 26 -10.99 4.81 -6.61
CA LEU A 26 -12.30 4.45 -7.11
C LEU A 26 -13.19 4.07 -5.92
N LYS A 27 -12.70 3.43 -4.85
CA LYS A 27 -13.57 3.05 -3.73
C LYS A 27 -14.24 4.27 -3.09
N PRO A 28 -13.62 5.40 -2.70
CA PRO A 28 -14.39 6.52 -2.19
C PRO A 28 -15.33 7.14 -3.24
N ALA A 29 -14.99 7.12 -4.53
CA ALA A 29 -15.82 7.69 -5.58
C ALA A 29 -17.11 6.90 -5.70
N LEU A 30 -17.03 5.57 -5.62
CA LEU A 30 -18.21 4.72 -5.67
C LEU A 30 -19.05 4.90 -4.41
N GLU A 31 -18.40 5.10 -3.27
CA GLU A 31 -19.12 5.27 -2.04
C GLU A 31 -19.76 6.63 -2.02
N ARG A 32 -19.24 7.61 -2.74
CA ARG A 32 -19.93 8.90 -2.82
C ARG A 32 -21.30 8.73 -3.43
N ALA A 33 -21.39 7.79 -4.37
CA ALA A 33 -22.63 7.51 -5.03
C ALA A 33 -23.55 6.66 -4.16
N GLY A 34 -23.12 6.25 -2.97
CA GLY A 34 -23.95 5.44 -2.09
C GLY A 34 -23.77 3.96 -2.34
N HIS A 35 -22.82 3.51 -3.18
CA HIS A 35 -22.68 2.07 -3.38
C HIS A 35 -21.87 1.47 -2.21
N LYS A 36 -21.98 0.17 -2.00
CA LYS A 36 -21.20 -0.54 -1.01
C LYS A 36 -19.98 -1.08 -1.77
N VAL A 37 -18.76 -0.99 -1.27
CA VAL A 37 -17.58 -1.42 -1.99
C VAL A 37 -16.74 -2.29 -1.09
N THR A 38 -16.30 -3.46 -1.57
CA THR A 38 -15.37 -4.33 -0.86
C THR A 38 -14.13 -4.42 -1.73
N ALA A 39 -12.90 -4.10 -1.29
CA ALA A 39 -11.71 -4.30 -2.09
C ALA A 39 -10.82 -5.28 -1.36
N LEU A 40 -10.59 -6.42 -1.99
CA LEU A 40 -9.90 -7.54 -1.40
C LEU A 40 -8.49 -7.72 -1.91
N ASP A 41 -7.58 -8.15 -1.04
CA ASP A 41 -6.21 -8.54 -1.41
C ASP A 41 -6.32 -10.03 -1.71
N MET A 42 -5.68 -10.51 -2.80
CA MET A 42 -5.75 -11.93 -3.15
C MET A 42 -4.58 -12.59 -2.44
N ALA A 43 -4.39 -13.92 -2.42
CA ALA A 43 -3.28 -14.46 -1.66
C ALA A 43 -1.95 -13.87 -2.15
N ALA A 44 -1.02 -13.65 -1.22
CA ALA A 44 0.31 -13.12 -1.51
C ALA A 44 0.36 -11.79 -2.27
N SER A 45 -0.67 -10.93 -2.10
CA SER A 45 -0.79 -9.66 -2.80
C SER A 45 -1.09 -8.56 -1.79
N GLY A 46 -0.81 -7.28 -2.05
CA GLY A 46 -0.98 -6.22 -1.09
C GLY A 46 -0.22 -6.57 0.18
N ILE A 47 -0.95 -6.57 1.30
CA ILE A 47 -0.41 -6.88 2.62
C ILE A 47 -0.89 -8.25 3.12
N ASP A 48 -1.25 -9.13 2.16
CA ASP A 48 -1.67 -10.46 2.55
C ASP A 48 -0.41 -11.18 3.06
N PRO A 49 -0.41 -11.90 4.19
CA PRO A 49 0.80 -12.39 4.83
C PRO A 49 1.42 -13.57 4.10
N ARG A 50 0.69 -14.20 3.17
CA ARG A 50 1.21 -15.37 2.48
C ARG A 50 2.24 -14.93 1.45
N GLN A 51 3.13 -15.85 1.16
CA GLN A 51 4.20 -15.59 0.22
C GLN A 51 3.83 -16.32 -1.05
N ILE A 52 4.23 -15.84 -2.20
CA ILE A 52 3.76 -16.45 -3.45
C ILE A 52 4.22 -17.89 -3.63
N GLU A 53 5.37 -18.21 -3.01
CA GLU A 53 5.91 -19.55 -3.13
C GLU A 53 5.10 -20.59 -2.36
N GLN A 54 4.17 -20.18 -1.51
CA GLN A 54 3.32 -21.11 -0.77
C GLN A 54 2.01 -21.29 -1.59
N ILE A 55 1.82 -20.68 -2.75
CA ILE A 55 0.54 -20.68 -3.48
C ILE A 55 0.71 -21.59 -4.68
N ASN A 56 -0.28 -22.40 -5.03
CA ASN A 56 0.01 -23.37 -6.07
C ASN A 56 -0.81 -23.30 -7.32
N SER A 57 -1.77 -22.40 -7.39
CA SER A 57 -2.56 -22.30 -8.57
C SER A 57 -3.23 -20.93 -8.51
N PHE A 58 -3.76 -20.48 -9.65
CA PHE A 58 -4.49 -19.20 -9.73
C PHE A 58 -5.80 -19.37 -8.93
N ASP A 59 -6.39 -20.56 -8.89
CA ASP A 59 -7.51 -20.82 -8.01
C ASP A 59 -7.15 -20.65 -6.54
N GLU A 60 -6.02 -21.18 -6.04
CA GLU A 60 -5.63 -20.93 -4.66
C GLU A 60 -5.38 -19.45 -4.42
N TYR A 61 -4.74 -18.80 -5.39
CA TYR A 61 -4.52 -17.36 -5.35
C TYR A 61 -5.84 -16.58 -5.17
N SER A 62 -6.92 -17.09 -5.80
CA SER A 62 -8.24 -16.48 -5.71
C SER A 62 -8.94 -16.76 -4.40
N GLU A 63 -8.43 -17.53 -3.43
CA GLU A 63 -9.16 -17.84 -2.20
C GLU A 63 -9.86 -16.65 -1.57
N PRO A 64 -9.28 -15.45 -1.37
CA PRO A 64 -9.97 -14.39 -0.66
C PRO A 64 -11.29 -14.02 -1.32
N LEU A 65 -11.40 -14.08 -2.65
CA LEU A 65 -12.64 -13.79 -3.34
C LEU A 65 -13.69 -14.83 -3.05
N LEU A 66 -13.34 -16.10 -3.19
CA LEU A 66 -14.29 -17.18 -3.05
C LEU A 66 -14.79 -17.26 -1.59
N THR A 67 -13.91 -17.15 -0.58
CA THR A 67 -14.26 -17.05 0.83
C THR A 67 -15.24 -15.92 1.09
N PHE A 68 -14.97 -14.71 0.57
CA PHE A 68 -15.87 -13.58 0.70
C PHE A 68 -17.20 -13.98 0.04
N LEU A 69 -17.26 -14.53 -1.18
CA LEU A 69 -18.55 -14.86 -1.77
C LEU A 69 -19.21 -16.00 -1.00
N GLU A 70 -18.52 -16.96 -0.44
CA GLU A 70 -19.15 -17.95 0.41
C GLU A 70 -19.85 -17.29 1.59
N LYS A 71 -19.25 -16.22 2.10
CA LYS A 71 -19.77 -15.48 3.22
C LYS A 71 -20.97 -14.57 2.92
N LEU A 72 -21.35 -14.29 1.66
CA LEU A 72 -22.45 -13.37 1.41
C LEU A 72 -23.80 -13.90 1.87
N PRO A 73 -24.62 -13.04 2.50
CA PRO A 73 -25.98 -13.36 2.91
C PRO A 73 -26.81 -13.87 1.76
N GLN A 74 -27.82 -14.70 2.09
CA GLN A 74 -28.75 -15.21 1.09
C GLN A 74 -29.40 -14.00 0.44
N GLY A 75 -29.40 -14.12 -0.88
CA GLY A 75 -30.06 -13.16 -1.71
C GLY A 75 -29.20 -11.94 -2.00
N GLU A 76 -27.97 -11.79 -1.46
CA GLU A 76 -27.14 -10.65 -1.83
C GLU A 76 -26.40 -11.06 -3.08
N LYS A 77 -26.22 -10.08 -3.96
CA LYS A 77 -25.50 -10.24 -5.21
C LYS A 77 -24.53 -9.11 -5.38
N VAL A 78 -23.37 -9.39 -6.00
CA VAL A 78 -22.34 -8.37 -6.16
C VAL A 78 -21.94 -8.22 -7.60
N ILE A 79 -21.41 -7.04 -7.92
CA ILE A 79 -20.78 -6.82 -9.20
C ILE A 79 -19.27 -6.93 -8.95
N ILE A 80 -18.57 -7.90 -9.55
CA ILE A 80 -17.14 -8.11 -9.38
C ILE A 80 -16.45 -7.30 -10.45
N VAL A 81 -15.61 -6.33 -10.10
CA VAL A 81 -14.89 -5.54 -11.05
C VAL A 81 -13.47 -6.08 -10.94
N GLY A 82 -12.84 -6.52 -12.05
CA GLY A 82 -11.48 -7.03 -12.01
C GLY A 82 -10.61 -6.32 -13.05
N GLU A 83 -9.42 -5.81 -12.67
CA GLU A 83 -8.54 -5.15 -13.61
C GLU A 83 -7.48 -6.12 -14.12
N SER A 84 -6.97 -5.90 -15.34
CA SER A 84 -5.89 -6.64 -15.94
C SER A 84 -6.01 -8.17 -15.88
N CYS A 85 -5.24 -8.91 -15.08
CA CYS A 85 -5.42 -10.35 -14.96
C CYS A 85 -6.64 -10.79 -14.20
N ALA A 86 -7.38 -9.89 -13.52
CA ALA A 86 -8.45 -10.39 -12.70
C ALA A 86 -9.69 -10.88 -13.44
N GLY A 87 -9.84 -10.83 -14.78
CA GLY A 87 -10.95 -11.50 -15.44
C GLY A 87 -10.92 -13.02 -15.15
N LEU A 88 -9.70 -13.60 -14.92
CA LEU A 88 -9.53 -14.99 -14.50
C LEU A 88 -10.09 -15.21 -13.09
N ASN A 89 -9.91 -14.27 -12.14
CA ASN A 89 -10.52 -14.33 -10.83
C ASN A 89 -12.05 -14.29 -10.97
N ILE A 90 -12.61 -13.47 -11.85
CA ILE A 90 -14.07 -13.45 -12.08
C ILE A 90 -14.56 -14.79 -12.66
N ALA A 91 -13.89 -15.37 -13.66
CA ALA A 91 -14.28 -16.66 -14.20
C ALA A 91 -14.26 -17.79 -13.18
N ILE A 92 -13.22 -17.87 -12.32
CA ILE A 92 -13.11 -18.86 -11.23
C ILE A 92 -14.27 -18.73 -10.20
N ALA A 93 -14.52 -17.47 -9.82
CA ALA A 93 -15.56 -17.17 -8.86
C ALA A 93 -16.92 -17.50 -9.43
N ALA A 94 -17.19 -17.10 -10.68
CA ALA A 94 -18.47 -17.36 -11.34
C ALA A 94 -18.74 -18.84 -11.50
N ASP A 95 -17.75 -19.72 -11.66
CA ASP A 95 -18.02 -21.14 -11.68
C ASP A 95 -18.28 -21.73 -10.31
N ARG A 96 -18.09 -20.97 -9.23
CA ARG A 96 -18.49 -21.43 -7.91
C ARG A 96 -19.74 -20.66 -7.44
N TYR A 97 -19.95 -19.40 -7.78
CA TYR A 97 -20.97 -18.60 -7.15
C TYR A 97 -21.78 -17.80 -8.14
N VAL A 98 -22.18 -18.39 -9.26
CA VAL A 98 -22.95 -17.67 -10.30
C VAL A 98 -24.16 -16.91 -9.76
N ASP A 99 -24.83 -17.59 -8.84
CA ASP A 99 -25.95 -17.12 -8.04
C ASP A 99 -25.76 -15.77 -7.37
N LYS A 100 -24.52 -15.50 -6.98
CA LYS A 100 -24.16 -14.32 -6.21
C LYS A 100 -23.60 -13.18 -7.02
N ILE A 101 -23.57 -13.36 -8.33
CA ILE A 101 -22.92 -12.42 -9.18
C ILE A 101 -23.97 -11.78 -10.07
N ALA A 102 -24.17 -10.46 -9.91
CA ALA A 102 -25.07 -9.71 -10.76
C ALA A 102 -24.40 -9.48 -12.12
N ALA A 103 -23.09 -9.16 -12.20
CA ALA A 103 -22.38 -8.96 -13.47
C ALA A 103 -20.89 -9.03 -13.21
N GLY A 104 -20.06 -9.30 -14.21
CA GLY A 104 -18.61 -9.26 -14.07
C GLY A 104 -18.21 -8.06 -14.92
N VAL A 105 -17.36 -7.16 -14.44
CA VAL A 105 -16.90 -6.01 -15.20
C VAL A 105 -15.39 -6.19 -15.41
N PHE A 106 -14.95 -6.18 -16.69
CA PHE A 106 -13.59 -6.43 -17.09
C PHE A 106 -13.03 -5.06 -17.32
N HIS A 107 -12.00 -4.66 -16.59
CA HIS A 107 -11.50 -3.29 -16.63
C HIS A 107 -10.08 -3.41 -17.19
N ASN A 108 -9.90 -3.27 -18.51
CA ASN A 108 -8.61 -3.40 -19.22
C ASN A 108 -8.06 -4.77 -18.83
N SER A 109 -9.00 -5.71 -18.89
CA SER A 109 -8.82 -7.04 -18.37
C SER A 109 -8.84 -8.15 -19.40
N LEU A 110 -8.25 -9.24 -18.94
CA LEU A 110 -8.22 -10.50 -19.62
C LEU A 110 -9.69 -10.90 -19.69
N LEU A 111 -10.26 -11.41 -20.79
CA LEU A 111 -11.66 -11.83 -20.87
C LEU A 111 -11.70 -13.32 -21.19
N PRO A 112 -11.62 -14.25 -20.23
CA PRO A 112 -11.62 -15.67 -20.49
C PRO A 112 -12.85 -16.09 -21.27
N ASP A 113 -12.81 -17.23 -21.94
CA ASP A 113 -14.02 -17.77 -22.50
C ASP A 113 -14.19 -19.18 -21.97
N THR A 114 -15.17 -19.91 -22.48
CA THR A 114 -15.46 -21.25 -22.03
C THR A 114 -15.04 -22.28 -23.09
N VAL A 115 -14.87 -21.76 -24.29
CA VAL A 115 -14.47 -22.56 -25.44
C VAL A 115 -13.02 -23.03 -25.50
N HIS A 116 -12.10 -22.25 -24.92
CA HIS A 116 -10.69 -22.58 -24.99
C HIS A 116 -10.19 -22.81 -23.57
N SER A 117 -8.94 -23.23 -23.42
CA SER A 117 -8.30 -23.45 -22.11
C SER A 117 -8.39 -22.19 -21.29
N PRO A 118 -8.47 -22.23 -19.96
CA PRO A 118 -8.33 -21.05 -19.11
C PRO A 118 -7.09 -20.19 -19.41
N SER A 119 -6.01 -20.81 -19.93
CA SER A 119 -4.78 -20.05 -20.24
C SER A 119 -4.74 -19.33 -21.57
N TYR A 120 -5.77 -19.57 -22.38
CA TYR A 120 -5.82 -19.04 -23.73
C TYR A 120 -5.63 -17.53 -23.89
N THR A 121 -6.32 -16.71 -23.09
CA THR A 121 -6.16 -15.26 -23.26
C THR A 121 -4.80 -14.84 -22.73
N VAL A 122 -4.18 -15.56 -21.80
CA VAL A 122 -2.83 -15.25 -21.33
C VAL A 122 -1.79 -15.46 -22.46
N GLU A 123 -1.86 -16.61 -23.16
CA GLU A 123 -1.03 -16.89 -24.33
C GLU A 123 -1.20 -15.80 -25.36
N LYS A 124 -2.44 -15.42 -25.67
CA LYS A 124 -2.67 -14.32 -26.58
C LYS A 124 -2.11 -12.99 -26.10
N LEU A 125 -2.20 -12.67 -24.81
CA LEU A 125 -1.63 -11.45 -24.27
C LEU A 125 -0.12 -11.46 -24.53
N LEU A 126 0.53 -12.58 -24.24
CA LEU A 126 1.96 -12.65 -24.39
C LEU A 126 2.40 -12.57 -25.83
N GLU A 127 1.64 -13.10 -26.78
CA GLU A 127 2.01 -12.87 -28.17
C GLU A 127 1.94 -11.38 -28.48
N SER A 128 0.92 -10.69 -27.96
CA SER A 128 0.77 -9.27 -28.19
C SER A 128 1.84 -8.41 -27.52
N PHE A 129 2.22 -8.70 -26.26
CA PHE A 129 3.18 -7.90 -25.51
C PHE A 129 4.15 -8.90 -24.91
N PRO A 130 5.17 -9.28 -25.67
CA PRO A 130 6.11 -10.30 -25.20
C PRO A 130 7.29 -9.77 -24.40
N ASP A 131 7.51 -8.46 -24.40
CA ASP A 131 8.67 -8.00 -23.74
C ASP A 131 8.28 -7.19 -22.53
N TRP A 132 8.62 -7.69 -21.35
CA TRP A 132 8.22 -7.05 -20.10
C TRP A 132 9.34 -6.23 -19.48
N ARG A 133 10.16 -5.80 -20.40
CA ARG A 133 11.19 -4.81 -20.21
C ARG A 133 12.10 -5.19 -19.06
N ASP A 134 12.12 -4.42 -18.00
CA ASP A 134 12.97 -4.71 -16.89
C ASP A 134 12.39 -5.67 -15.84
N THR A 135 11.26 -6.34 -16.10
CA THR A 135 10.71 -7.34 -15.21
C THR A 135 11.70 -8.51 -14.99
N GLU A 136 11.79 -8.96 -13.73
CA GLU A 136 12.61 -10.09 -13.40
C GLU A 136 11.73 -11.26 -13.14
N TYR A 137 12.22 -12.44 -13.46
CA TYR A 137 11.47 -13.66 -13.30
C TYR A 137 12.13 -14.59 -12.35
N PHE A 138 11.38 -15.47 -11.68
CA PHE A 138 11.93 -16.41 -10.72
C PHE A 138 11.07 -17.65 -10.82
N THR A 139 11.46 -18.77 -10.25
CA THR A 139 10.60 -19.92 -10.27
C THR A 139 10.65 -20.60 -8.92
N PHE A 140 9.62 -21.40 -8.66
CA PHE A 140 9.65 -22.26 -7.52
C PHE A 140 8.92 -23.52 -7.96
N THR A 141 8.98 -24.62 -7.21
CA THR A 141 8.30 -25.83 -7.56
C THR A 141 7.13 -25.96 -6.61
N ASN A 142 5.94 -26.14 -7.19
CA ASN A 142 4.71 -26.19 -6.41
C ASN A 142 4.44 -27.55 -5.79
N ILE A 143 3.31 -27.72 -5.10
CA ILE A 143 2.99 -28.91 -4.35
C ILE A 143 2.91 -30.25 -5.11
N THR A 144 2.73 -30.25 -6.44
CA THR A 144 2.69 -31.49 -7.21
C THR A 144 3.83 -31.49 -8.22
N GLY A 145 4.83 -30.63 -8.05
CA GLY A 145 6.01 -30.64 -8.87
C GLY A 145 6.01 -29.71 -10.08
N GLU A 146 4.97 -28.87 -10.31
CA GLU A 146 4.97 -27.95 -11.44
C GLU A 146 5.93 -26.81 -11.19
N THR A 147 6.67 -26.31 -12.18
CA THR A 147 7.49 -25.16 -11.89
C THR A 147 6.69 -23.92 -12.29
N ILE A 148 6.75 -22.96 -11.36
CA ILE A 148 5.87 -21.83 -11.41
C ILE A 148 6.83 -20.73 -11.59
N THR A 149 6.46 -19.89 -12.54
CA THR A 149 7.19 -18.67 -12.82
C THR A 149 6.53 -17.47 -12.15
N THR A 150 7.35 -16.72 -11.40
CA THR A 150 6.87 -15.51 -10.74
C THR A 150 7.68 -14.35 -11.30
N MET A 151 7.24 -13.13 -11.05
CA MET A 151 7.94 -11.97 -11.56
C MET A 151 7.83 -10.83 -10.55
N LYS A 152 8.81 -9.93 -10.66
CA LYS A 152 8.87 -8.69 -9.90
C LYS A 152 8.83 -7.74 -11.08
N LEU A 153 7.78 -6.94 -11.21
CA LEU A 153 7.56 -6.06 -12.33
C LEU A 153 8.63 -4.98 -12.29
N GLY A 154 9.18 -4.66 -13.46
CA GLY A 154 10.22 -3.66 -13.52
C GLY A 154 9.67 -2.28 -13.33
N PHE A 155 10.48 -1.36 -12.80
CA PHE A 155 10.03 -0.01 -12.60
C PHE A 155 9.80 0.80 -13.85
N VAL A 156 10.54 0.58 -14.94
CA VAL A 156 10.31 1.26 -16.21
C VAL A 156 8.99 0.80 -16.77
N LEU A 157 8.78 -0.52 -16.82
CA LEU A 157 7.52 -1.10 -17.29
C LEU A 157 6.36 -0.51 -16.48
N LEU A 158 6.51 -0.42 -15.16
CA LEU A 158 5.54 0.22 -14.28
C LEU A 158 5.31 1.65 -14.71
N ARG A 159 6.35 2.49 -14.78
CA ARG A 159 6.23 3.87 -15.20
C ARG A 159 5.64 4.06 -16.59
N GLU A 160 6.10 3.36 -17.62
CA GLU A 160 5.67 3.66 -18.98
C GLU A 160 4.53 2.81 -19.50
N ASN A 161 4.44 1.56 -19.06
CA ASN A 161 3.43 0.69 -19.60
C ASN A 161 2.22 0.49 -18.71
N LEU A 162 2.32 0.42 -17.38
CA LEU A 162 1.12 0.24 -16.58
C LEU A 162 0.62 1.57 -16.06
N PHE A 163 1.50 2.39 -15.50
CA PHE A 163 1.12 3.68 -14.90
C PHE A 163 1.48 4.88 -15.78
N THR A 164 1.43 4.72 -17.09
CA THR A 164 1.87 5.72 -18.07
C THR A 164 1.54 7.19 -17.83
N LYS A 165 0.28 7.41 -17.46
CA LYS A 165 -0.30 8.74 -17.27
C LYS A 165 -0.64 9.02 -15.81
N CYS A 166 -0.28 8.15 -14.87
CA CYS A 166 -0.62 8.38 -13.48
C CYS A 166 0.29 9.42 -12.86
N THR A 167 -0.19 10.03 -11.79
CA THR A 167 0.53 10.94 -10.89
C THR A 167 1.87 10.32 -10.44
N ASP A 168 2.84 11.14 -10.13
CA ASP A 168 4.10 10.69 -9.54
C ASP A 168 3.83 10.14 -8.18
N GLY A 169 2.93 10.69 -7.40
CA GLY A 169 2.55 10.08 -6.11
C GLY A 169 1.92 8.68 -6.25
N GLU A 170 1.17 8.49 -7.33
CA GLU A 170 0.55 7.22 -7.59
C GLU A 170 1.60 6.25 -8.09
N TYR A 171 2.53 6.70 -8.91
CA TYR A 171 3.59 5.84 -9.39
C TYR A 171 4.53 5.49 -8.20
N GLU A 172 4.94 6.43 -7.35
CA GLU A 172 5.76 6.13 -6.19
C GLU A 172 5.03 5.20 -5.25
N LEU A 173 3.73 5.39 -5.03
CA LEU A 173 2.96 4.47 -4.20
C LEU A 173 3.15 3.06 -4.73
N ALA A 174 2.94 2.84 -6.02
CA ALA A 174 3.04 1.52 -6.63
C ALA A 174 4.34 0.79 -6.33
N LYS A 175 5.44 1.52 -6.46
CA LYS A 175 6.77 1.03 -6.20
C LYS A 175 6.94 0.66 -4.75
N MET A 176 6.29 1.44 -3.87
CA MET A 176 6.33 1.17 -2.43
C MET A 176 5.53 -0.06 -1.97
N VAL A 177 4.56 -0.60 -2.73
CA VAL A 177 3.76 -1.72 -2.24
C VAL A 177 3.57 -2.89 -3.17
N MET A 178 4.29 -2.89 -4.29
CA MET A 178 4.18 -3.91 -5.32
C MET A 178 4.82 -5.19 -4.83
N ARG A 179 4.23 -6.33 -5.14
CA ARG A 179 4.66 -7.63 -4.65
C ARG A 179 5.02 -8.49 -5.86
N LYS A 180 5.62 -9.63 -5.67
CA LYS A 180 5.77 -10.61 -6.73
C LYS A 180 4.42 -11.15 -7.17
N GLY A 181 4.32 -11.63 -8.39
CA GLY A 181 3.07 -12.20 -8.88
C GLY A 181 3.26 -13.39 -9.83
N SER A 182 2.22 -14.13 -10.14
CA SER A 182 2.30 -15.20 -11.09
C SER A 182 0.93 -15.38 -11.68
N LEU A 183 1.03 -15.80 -12.92
CA LEU A 183 -0.08 -16.11 -13.81
C LEU A 183 -0.39 -17.59 -13.59
N PHE A 184 0.54 -18.42 -13.06
CA PHE A 184 0.37 -19.86 -12.94
C PHE A 184 -0.08 -20.44 -14.29
N GLN A 185 0.50 -19.93 -15.38
CA GLN A 185 -0.05 -20.15 -16.72
C GLN A 185 -0.05 -21.61 -17.09
N ASN A 186 1.04 -22.31 -16.76
CA ASN A 186 1.05 -23.72 -17.06
C ASN A 186 0.07 -24.57 -16.26
N VAL A 187 -0.29 -24.19 -15.05
CA VAL A 187 -1.31 -24.91 -14.30
C VAL A 187 -2.66 -24.48 -14.87
N LEU A 188 -2.83 -23.24 -15.37
CA LEU A 188 -4.07 -22.82 -16.01
C LEU A 188 -4.30 -23.64 -17.27
N ALA A 189 -3.23 -23.95 -18.00
CA ALA A 189 -3.31 -24.75 -19.21
C ALA A 189 -3.87 -26.14 -18.93
N GLN A 190 -3.46 -26.73 -17.81
CA GLN A 190 -3.98 -28.02 -17.36
C GLN A 190 -5.38 -27.89 -16.75
N ARG A 191 -5.99 -26.71 -16.59
CA ARG A 191 -7.26 -26.57 -15.89
C ARG A 191 -8.44 -26.83 -16.80
N PRO A 192 -9.48 -27.49 -16.29
CA PRO A 192 -10.83 -27.54 -16.86
C PRO A 192 -11.25 -26.17 -17.31
N LYS A 193 -11.96 -26.17 -18.43
CA LYS A 193 -12.41 -24.94 -19.01
C LYS A 193 -13.50 -24.31 -18.17
N PHE A 194 -13.67 -23.00 -18.23
CA PHE A 194 -14.72 -22.35 -17.46
C PHE A 194 -16.05 -22.85 -17.97
N THR A 195 -17.05 -23.03 -17.13
CA THR A 195 -18.31 -23.59 -17.56
C THR A 195 -19.27 -22.57 -18.15
N GLU A 196 -20.13 -23.12 -18.99
CA GLU A 196 -21.19 -22.30 -19.53
C GLU A 196 -22.26 -21.90 -18.55
N LYS A 197 -22.57 -22.81 -17.64
CA LYS A 197 -23.64 -22.62 -16.67
C LYS A 197 -23.21 -21.62 -15.63
N GLY A 198 -21.93 -21.59 -15.30
CA GLY A 198 -21.49 -20.62 -14.32
C GLY A 198 -21.07 -19.34 -15.02
N TYR A 199 -19.77 -19.31 -15.32
CA TYR A 199 -19.15 -18.14 -15.90
C TYR A 199 -19.80 -17.78 -17.22
N GLY A 200 -20.14 -18.77 -18.04
CA GLY A 200 -20.71 -18.51 -19.33
C GLY A 200 -22.03 -17.78 -19.17
N SER A 201 -22.78 -17.93 -18.07
CA SER A 201 -24.02 -17.20 -17.96
C SER A 201 -23.97 -15.80 -17.40
N ILE A 202 -22.87 -15.33 -16.79
CA ILE A 202 -22.73 -14.03 -16.15
C ILE A 202 -22.82 -12.89 -17.16
N LYS A 203 -23.42 -11.79 -16.77
CA LYS A 203 -23.40 -10.58 -17.58
C LYS A 203 -21.99 -10.05 -17.58
N LYS A 204 -21.52 -9.46 -18.67
CA LYS A 204 -20.12 -9.14 -18.81
C LYS A 204 -19.99 -7.82 -19.47
N VAL A 205 -19.33 -6.86 -18.82
CA VAL A 205 -19.18 -5.48 -19.34
C VAL A 205 -17.69 -5.25 -19.51
N TYR A 206 -17.22 -4.74 -20.65
CA TYR A 206 -15.79 -4.61 -20.90
C TYR A 206 -15.49 -3.13 -20.95
N ILE A 207 -14.67 -2.59 -20.03
CA ILE A 207 -14.26 -1.20 -20.04
C ILE A 207 -12.81 -1.25 -20.52
N TRP A 208 -12.37 -0.34 -21.36
CA TRP A 208 -11.00 -0.36 -21.86
C TRP A 208 -10.67 1.01 -22.46
N THR A 209 -9.40 1.33 -22.70
CA THR A 209 -8.99 2.57 -23.39
C THR A 209 -8.01 2.07 -24.44
N ASP A 210 -8.00 2.74 -25.59
CA ASP A 210 -7.00 2.46 -26.62
C ASP A 210 -5.64 3.07 -26.28
N GLN A 211 -5.49 3.77 -25.15
CA GLN A 211 -4.21 4.36 -24.76
C GLN A 211 -3.50 3.45 -23.78
N ASP A 212 -4.01 2.25 -23.59
CA ASP A 212 -3.39 1.33 -22.68
C ASP A 212 -2.08 0.88 -23.32
N LYS A 213 -0.97 1.13 -22.62
CA LYS A 213 0.31 0.76 -23.16
C LYS A 213 0.76 -0.61 -22.76
N ILE A 214 -0.05 -1.49 -22.18
CA ILE A 214 0.36 -2.87 -21.96
C ILE A 214 -0.74 -3.81 -22.44
N PHE A 215 -2.04 -3.63 -22.27
CA PHE A 215 -3.02 -4.49 -22.92
C PHE A 215 -3.38 -3.61 -24.12
N LEU A 216 -2.65 -3.85 -25.21
CA LEU A 216 -2.71 -3.03 -26.43
C LEU A 216 -3.98 -3.14 -27.29
N PRO A 217 -4.38 -2.12 -28.09
CA PRO A 217 -5.65 -2.09 -28.81
C PRO A 217 -5.91 -3.35 -29.60
N ASP A 218 -4.89 -3.92 -30.24
CA ASP A 218 -5.03 -5.15 -31.01
C ASP A 218 -5.37 -6.33 -30.11
N PHE A 219 -4.79 -6.41 -28.91
CA PHE A 219 -5.15 -7.49 -28.00
C PHE A 219 -6.59 -7.32 -27.49
N GLN A 220 -6.93 -6.10 -27.06
CA GLN A 220 -8.23 -5.82 -26.45
C GLN A 220 -9.34 -6.10 -27.44
N ARG A 221 -9.13 -5.64 -28.66
CA ARG A 221 -10.11 -5.81 -29.71
C ARG A 221 -10.21 -7.27 -30.06
N TRP A 222 -9.07 -7.99 -30.10
CA TRP A 222 -9.17 -9.41 -30.35
C TRP A 222 -10.02 -10.04 -29.26
N GLN A 223 -9.84 -9.70 -27.99
CA GLN A 223 -10.64 -10.32 -26.94
C GLN A 223 -12.13 -10.07 -27.09
N ILE A 224 -12.53 -8.83 -27.40
CA ILE A 224 -13.94 -8.49 -27.61
C ILE A 224 -14.56 -9.31 -28.74
N ALA A 225 -13.82 -9.45 -29.87
CA ALA A 225 -14.22 -10.29 -31.00
C ALA A 225 -14.30 -11.74 -30.60
N ASN A 226 -13.30 -12.19 -29.83
CA ASN A 226 -13.29 -13.57 -29.42
C ASN A 226 -14.46 -13.94 -28.51
N TYR A 227 -15.01 -13.06 -27.67
CA TYR A 227 -16.05 -13.47 -26.73
C TYR A 227 -16.84 -12.21 -26.46
N LYS A 228 -17.95 -12.03 -27.18
CA LYS A 228 -18.69 -10.79 -27.13
C LYS A 228 -19.21 -10.51 -25.73
N PRO A 229 -18.75 -9.35 -25.16
CA PRO A 229 -19.22 -8.77 -23.92
C PRO A 229 -20.68 -8.39 -24.11
N ASP A 230 -21.46 -8.35 -23.02
CA ASP A 230 -22.80 -7.88 -23.11
C ASP A 230 -22.74 -6.40 -23.39
N LYS A 231 -21.76 -5.60 -22.94
CA LYS A 231 -21.65 -4.18 -23.28
C LYS A 231 -20.16 -3.87 -23.25
N VAL A 232 -19.73 -2.88 -24.02
CA VAL A 232 -18.36 -2.45 -24.10
C VAL A 232 -18.39 -0.96 -23.85
N TYR A 233 -17.48 -0.39 -23.05
CA TYR A 233 -17.41 1.05 -22.81
C TYR A 233 -15.96 1.36 -23.07
N GLN A 234 -15.64 2.20 -24.03
CA GLN A 234 -14.27 2.56 -24.31
C GLN A 234 -14.09 3.92 -23.70
N VAL A 235 -13.04 4.16 -22.91
CA VAL A 235 -12.78 5.42 -22.27
C VAL A 235 -11.69 6.02 -23.13
N GLN A 236 -11.85 7.33 -23.34
CA GLN A 236 -10.88 8.07 -24.11
C GLN A 236 -9.83 8.55 -23.13
N GLY A 237 -8.58 8.37 -23.55
CA GLY A 237 -7.44 8.82 -22.78
C GLY A 237 -7.09 7.84 -21.70
N GLY A 238 -6.55 8.38 -20.64
CA GLY A 238 -6.09 7.61 -19.52
C GLY A 238 -4.97 6.66 -19.90
N ASP A 239 -4.87 5.54 -19.19
CA ASP A 239 -3.79 4.58 -19.34
C ASP A 239 -4.33 3.26 -18.84
N HIS A 240 -3.49 2.25 -18.63
CA HIS A 240 -3.93 0.99 -18.10
C HIS A 240 -4.66 1.07 -16.75
N LYS A 241 -4.23 1.99 -15.89
CA LYS A 241 -4.84 2.12 -14.59
C LYS A 241 -5.90 3.18 -14.64
N LEU A 242 -6.96 2.88 -15.40
CA LEU A 242 -8.09 3.78 -15.50
C LEU A 242 -8.77 4.09 -14.16
N GLN A 243 -8.59 3.27 -13.13
CA GLN A 243 -9.21 3.55 -11.85
C GLN A 243 -8.41 4.61 -11.12
N LEU A 244 -7.28 5.01 -11.68
CA LEU A 244 -6.48 6.08 -11.15
C LEU A 244 -6.55 7.19 -12.16
N THR A 245 -6.33 7.02 -13.47
CA THR A 245 -6.38 8.16 -14.37
C THR A 245 -7.76 8.60 -14.80
N LYS A 246 -8.83 7.78 -14.69
CA LYS A 246 -10.20 8.12 -15.07
C LYS A 246 -11.16 7.65 -13.97
N THR A 247 -10.84 7.97 -12.71
CA THR A 247 -11.61 7.46 -11.58
C THR A 247 -13.08 7.81 -11.66
N GLU A 248 -13.42 9.05 -11.94
CA GLU A 248 -14.82 9.43 -12.01
C GLU A 248 -15.60 8.86 -13.22
N GLU A 249 -14.99 8.83 -14.42
CA GLU A 249 -15.61 8.20 -15.59
C GLU A 249 -15.91 6.77 -15.27
N VAL A 250 -14.90 6.02 -14.78
CA VAL A 250 -15.09 4.62 -14.44
C VAL A 250 -16.21 4.51 -13.42
N ALA A 251 -16.31 5.38 -12.42
CA ALA A 251 -17.38 5.29 -11.45
C ALA A 251 -18.70 5.58 -12.15
N HIS A 252 -18.80 6.44 -13.17
CA HIS A 252 -20.10 6.69 -13.78
C HIS A 252 -20.48 5.52 -14.66
N ILE A 253 -19.51 4.86 -15.27
CA ILE A 253 -19.81 3.69 -16.07
C ILE A 253 -20.31 2.63 -15.12
N LEU A 254 -19.68 2.49 -13.95
CA LEU A 254 -20.09 1.43 -13.03
C LEU A 254 -21.47 1.72 -12.48
N GLN A 255 -21.91 2.95 -12.39
CA GLN A 255 -23.31 3.25 -12.03
C GLN A 255 -24.29 2.69 -13.07
N GLU A 256 -23.93 2.84 -14.34
CA GLU A 256 -24.75 2.31 -15.42
C GLU A 256 -24.86 0.83 -15.40
N VAL A 257 -23.76 0.14 -15.06
CA VAL A 257 -23.79 -1.32 -14.86
C VAL A 257 -24.71 -1.68 -13.67
N ALA A 258 -24.69 -0.96 -12.52
CA ALA A 258 -25.59 -1.19 -11.40
C ALA A 258 -27.02 -1.01 -11.88
N ASP A 259 -27.33 0.08 -12.58
CA ASP A 259 -28.66 0.28 -13.10
C ASP A 259 -29.16 -0.83 -14.00
N ALA A 260 -28.29 -1.39 -14.82
CA ALA A 260 -28.71 -2.45 -15.68
C ALA A 260 -28.73 -3.82 -15.03
N TYR A 261 -27.86 -4.16 -14.07
CA TYR A 261 -27.76 -5.55 -13.57
C TYR A 261 -27.97 -5.75 -12.08
N ALA A 262 -28.07 -4.62 -11.40
CA ALA A 262 -28.25 -4.37 -9.96
C ALA A 262 -27.01 -4.80 -9.16
N MET B 5 21.80 25.76 -2.75
CA MET B 5 20.84 24.68 -2.57
C MET B 5 21.74 23.46 -2.39
N VAL B 6 21.69 22.59 -1.38
CA VAL B 6 22.53 21.41 -1.48
C VAL B 6 21.48 20.32 -1.74
N THR B 7 21.88 19.29 -2.43
CA THR B 7 21.00 18.16 -2.62
C THR B 7 21.49 17.16 -1.56
N ALA B 8 20.60 16.39 -0.92
CA ALA B 8 21.00 15.51 0.16
C ALA B 8 20.38 14.15 -0.10
N HIS B 9 20.78 13.11 0.62
CA HIS B 9 20.10 11.84 0.54
C HIS B 9 19.28 11.74 1.85
N PHE B 10 17.97 11.67 1.68
CA PHE B 10 17.01 11.56 2.77
C PHE B 10 16.55 10.12 2.94
N VAL B 11 16.50 9.63 4.16
CA VAL B 11 16.07 8.27 4.43
C VAL B 11 14.80 8.52 5.21
N LEU B 12 13.62 8.20 4.65
CA LEU B 12 12.33 8.51 5.29
C LEU B 12 11.85 7.30 6.07
N ILE B 13 11.50 7.45 7.37
CA ILE B 13 11.07 6.34 8.23
C ILE B 13 9.67 6.59 8.76
N HIS B 14 8.76 5.74 8.29
CA HIS B 14 7.38 5.65 8.74
C HIS B 14 7.28 5.25 10.22
N THR B 15 6.05 5.33 10.76
CA THR B 15 5.77 4.94 12.15
C THR B 15 5.18 3.53 12.25
N ILE B 16 5.05 2.99 13.45
CA ILE B 16 4.52 1.64 13.61
C ILE B 16 3.15 1.56 12.98
N CYS B 17 2.87 0.36 12.46
CA CYS B 17 1.65 -0.02 11.75
C CYS B 17 1.70 0.51 10.34
N HIS B 18 2.50 1.52 9.98
CA HIS B 18 2.44 2.10 8.61
C HIS B 18 3.54 1.45 7.76
N GLY B 19 4.01 2.07 6.67
CA GLY B 19 5.04 1.48 5.84
C GLY B 19 5.60 2.60 4.97
N ALA B 20 6.59 2.34 4.11
CA ALA B 20 7.15 3.35 3.23
C ALA B 20 6.12 4.17 2.44
N TRP B 21 5.00 3.52 2.07
CA TRP B 21 3.86 4.14 1.38
C TRP B 21 3.39 5.49 1.96
N ILE B 22 3.53 5.86 3.24
CA ILE B 22 2.98 7.15 3.70
C ILE B 22 3.79 8.25 3.10
N TRP B 23 5.00 7.96 2.64
CA TRP B 23 5.87 8.95 2.02
C TRP B 23 5.69 9.02 0.52
N HIS B 24 4.61 8.46 -0.02
CA HIS B 24 4.48 8.45 -1.47
C HIS B 24 4.29 9.81 -2.11
N LYS B 25 3.90 10.85 -1.36
CA LYS B 25 3.72 12.15 -1.94
C LYS B 25 5.02 12.88 -1.66
N LEU B 26 5.63 12.70 -0.49
CA LEU B 26 6.87 13.43 -0.15
C LEU B 26 8.09 12.95 -0.95
N LYS B 27 8.29 11.66 -1.22
CA LYS B 27 9.42 11.23 -2.02
C LYS B 27 9.50 11.91 -3.40
N PRO B 28 8.52 12.01 -4.34
CA PRO B 28 8.64 12.74 -5.59
C PRO B 28 8.86 14.20 -5.38
N ALA B 29 8.24 14.85 -4.40
CA ALA B 29 8.49 16.27 -4.15
C ALA B 29 9.96 16.56 -3.88
N LEU B 30 10.58 15.73 -3.05
CA LEU B 30 11.98 15.90 -2.73
C LEU B 30 12.86 15.65 -3.92
N GLU B 31 12.49 14.67 -4.72
CA GLU B 31 13.24 14.31 -5.90
C GLU B 31 13.07 15.41 -6.94
N ARG B 32 11.96 16.15 -6.99
CA ARG B 32 11.85 17.29 -7.89
C ARG B 32 12.95 18.32 -7.58
N ALA B 33 13.45 18.41 -6.35
CA ALA B 33 14.52 19.33 -6.02
C ALA B 33 15.92 18.71 -6.20
N GLY B 34 16.09 17.55 -6.86
CA GLY B 34 17.39 16.91 -7.04
C GLY B 34 17.90 16.06 -5.87
N HIS B 35 17.13 15.88 -4.80
CA HIS B 35 17.56 15.04 -3.67
C HIS B 35 17.47 13.54 -3.96
N LYS B 36 18.23 12.67 -3.28
CA LYS B 36 18.04 11.23 -3.44
C LYS B 36 17.17 10.86 -2.26
N VAL B 37 16.21 9.95 -2.41
CA VAL B 37 15.31 9.59 -1.34
C VAL B 37 15.21 8.05 -1.23
N THR B 38 15.36 7.48 -0.02
CA THR B 38 15.20 6.07 0.25
C THR B 38 14.05 5.99 1.28
N ALA B 39 12.96 5.31 0.98
CA ALA B 39 11.84 5.09 1.89
C ALA B 39 11.80 3.58 2.17
N LEU B 40 12.01 3.28 3.44
CA LEU B 40 12.13 1.91 3.90
C LEU B 40 10.94 1.45 4.72
N ASP B 41 10.61 0.18 4.57
CA ASP B 41 9.68 -0.52 5.43
C ASP B 41 10.46 -1.10 6.60
N MET B 42 9.94 -0.97 7.83
CA MET B 42 10.62 -1.48 9.00
C MET B 42 10.12 -2.90 9.13
N ALA B 43 10.60 -3.70 10.07
CA ALA B 43 10.20 -5.09 10.14
C ALA B 43 8.70 -5.11 10.37
N ALA B 44 8.05 -6.09 9.71
CA ALA B 44 6.63 -6.32 9.81
C ALA B 44 5.75 -5.10 9.56
N SER B 45 6.20 -4.19 8.69
CA SER B 45 5.46 -2.99 8.36
C SER B 45 5.34 -2.85 6.86
N GLY B 46 4.41 -2.11 6.28
CA GLY B 46 4.25 -2.03 4.83
C GLY B 46 4.14 -3.42 4.23
N ILE B 47 4.96 -3.76 3.23
CA ILE B 47 4.90 -5.08 2.64
C ILE B 47 6.02 -5.98 3.09
N ASP B 48 6.74 -5.66 4.18
CA ASP B 48 7.76 -6.52 4.71
C ASP B 48 7.12 -7.87 5.02
N PRO B 49 7.72 -9.00 4.68
CA PRO B 49 7.11 -10.29 4.86
C PRO B 49 7.06 -10.81 6.28
N ARG B 50 7.78 -10.17 7.21
CA ARG B 50 7.82 -10.69 8.59
C ARG B 50 6.53 -10.32 9.28
N GLN B 51 6.09 -11.19 10.19
CA GLN B 51 4.86 -10.86 10.96
C GLN B 51 5.27 -10.22 12.28
N ILE B 52 4.42 -9.43 12.92
CA ILE B 52 4.88 -8.71 14.12
C ILE B 52 5.29 -9.65 15.27
N GLU B 53 4.71 -10.84 15.29
CA GLU B 53 4.98 -11.74 16.40
C GLU B 53 6.36 -12.30 16.34
N GLN B 54 7.12 -12.11 15.26
CA GLN B 54 8.46 -12.64 15.29
C GLN B 54 9.47 -11.54 15.59
N ILE B 55 9.06 -10.32 15.86
CA ILE B 55 9.97 -9.24 16.14
C ILE B 55 9.99 -9.19 17.66
N ASN B 56 11.17 -9.02 18.28
CA ASN B 56 11.25 -9.12 19.74
C ASN B 56 11.59 -7.86 20.48
N SER B 57 11.94 -6.78 19.77
CA SER B 57 12.24 -5.52 20.41
C SER B 57 12.16 -4.46 19.37
N PHE B 58 12.17 -3.20 19.78
CA PHE B 58 12.16 -2.08 18.87
C PHE B 58 13.49 -1.99 18.09
N ASP B 59 14.63 -2.44 18.64
CA ASP B 59 15.86 -2.43 17.86
C ASP B 59 15.78 -3.47 16.75
N GLU B 60 15.16 -4.67 16.93
CA GLU B 60 15.00 -5.65 15.87
C GLU B 60 14.05 -5.10 14.84
N TYR B 61 12.99 -4.40 15.22
CA TYR B 61 12.07 -3.73 14.31
C TYR B 61 12.74 -2.70 13.40
N SER B 62 13.79 -1.99 13.89
CA SER B 62 14.58 -1.03 13.16
C SER B 62 15.55 -1.70 12.22
N GLU B 63 15.62 -3.04 12.10
CA GLU B 63 16.62 -3.67 11.27
C GLU B 63 16.74 -3.15 9.86
N PRO B 64 15.71 -2.92 9.01
CA PRO B 64 15.90 -2.39 7.66
C PRO B 64 16.66 -1.08 7.65
N LEU B 65 16.44 -0.18 8.61
CA LEU B 65 17.23 1.06 8.71
C LEU B 65 18.70 0.75 9.03
N LEU B 66 18.96 -0.10 10.00
CA LEU B 66 20.31 -0.34 10.41
C LEU B 66 21.10 -1.03 9.31
N THR B 67 20.49 -1.97 8.55
CA THR B 67 21.14 -2.71 7.47
C THR B 67 21.43 -1.72 6.36
N PHE B 68 20.48 -0.85 6.00
CA PHE B 68 20.72 0.19 5.01
C PHE B 68 21.96 1.05 5.35
N LEU B 69 21.96 1.52 6.59
CA LEU B 69 23.03 2.38 7.10
C LEU B 69 24.32 1.60 7.17
N GLU B 70 24.27 0.34 7.57
CA GLU B 70 25.43 -0.52 7.62
C GLU B 70 26.02 -0.57 6.24
N LYS B 71 25.20 -0.61 5.21
CA LYS B 71 25.72 -0.69 3.86
C LYS B 71 26.00 0.67 3.22
N LEU B 72 25.70 1.83 3.83
CA LEU B 72 25.92 3.10 3.13
C LEU B 72 27.39 3.18 2.80
N PRO B 73 27.74 3.58 1.57
CA PRO B 73 29.12 3.74 1.18
C PRO B 73 29.76 4.79 2.05
N GLN B 74 30.97 4.39 2.38
CA GLN B 74 31.92 5.14 3.16
C GLN B 74 31.99 6.57 2.62
N GLY B 75 31.78 7.44 3.60
CA GLY B 75 31.84 8.86 3.36
C GLY B 75 30.47 9.45 3.06
N GLU B 76 29.42 8.68 2.74
CA GLU B 76 28.11 9.25 2.50
C GLU B 76 27.42 9.43 3.83
N LYS B 77 26.63 10.51 3.91
CA LYS B 77 25.85 10.87 5.10
C LYS B 77 24.40 11.07 4.67
N VAL B 78 23.44 10.78 5.54
CA VAL B 78 22.04 10.88 5.18
C VAL B 78 21.34 11.73 6.20
N ILE B 79 20.15 12.22 5.87
CA ILE B 79 19.32 12.95 6.80
C ILE B 79 18.18 11.97 7.04
N ILE B 80 17.96 11.47 8.24
CA ILE B 80 16.93 10.48 8.50
C ILE B 80 15.72 11.32 8.94
N VAL B 81 14.54 11.19 8.31
CA VAL B 81 13.34 11.91 8.68
C VAL B 81 12.42 10.86 9.27
N GLY B 82 11.87 11.06 10.46
CA GLY B 82 11.05 10.02 11.07
C GLY B 82 9.73 10.58 11.52
N GLU B 83 8.62 9.89 11.30
CA GLU B 83 7.33 10.41 11.75
C GLU B 83 6.81 9.65 12.94
N SER B 84 6.04 10.35 13.80
CA SER B 84 5.40 9.78 14.99
C SER B 84 6.34 8.98 15.90
N CYS B 85 6.29 7.64 15.93
CA CYS B 85 7.12 6.90 16.83
C CYS B 85 8.50 6.80 16.22
N ALA B 86 8.72 7.11 14.93
CA ALA B 86 10.02 6.89 14.33
C ALA B 86 11.18 7.70 14.86
N GLY B 87 10.97 8.66 15.75
CA GLY B 87 12.05 9.34 16.47
C GLY B 87 12.87 8.34 17.28
N LEU B 88 12.21 7.23 17.72
CA LEU B 88 12.91 6.15 18.42
C LEU B 88 13.83 5.37 17.49
N ASN B 89 13.46 5.22 16.21
CA ASN B 89 14.31 4.58 15.18
C ASN B 89 15.52 5.49 14.87
N ILE B 90 15.34 6.83 14.79
CA ILE B 90 16.43 7.77 14.61
C ILE B 90 17.42 7.60 15.74
N ALA B 91 17.01 7.62 17.01
CA ALA B 91 17.90 7.47 18.15
C ALA B 91 18.67 6.15 18.21
N ILE B 92 17.99 5.02 17.91
CA ILE B 92 18.61 3.68 17.81
C ILE B 92 19.71 3.71 16.73
N ALA B 93 19.34 4.26 15.58
CA ALA B 93 20.22 4.36 14.43
C ALA B 93 21.38 5.32 14.67
N ALA B 94 21.16 6.50 15.30
CA ALA B 94 22.21 7.47 15.60
C ALA B 94 23.24 6.96 16.60
N ASP B 95 22.79 6.07 17.51
CA ASP B 95 23.71 5.43 18.40
C ASP B 95 24.67 4.46 17.78
N ARG B 96 24.30 3.88 16.66
CA ARG B 96 25.13 2.92 15.99
C ARG B 96 25.91 3.47 14.84
N TYR B 97 25.41 4.53 14.21
CA TYR B 97 26.05 5.07 13.02
C TYR B 97 26.16 6.58 13.10
N VAL B 98 26.54 7.23 14.21
CA VAL B 98 26.59 8.69 14.27
C VAL B 98 27.33 9.41 13.10
N ASP B 99 28.38 8.79 12.61
CA ASP B 99 29.12 9.42 11.53
C ASP B 99 28.50 9.35 10.16
N LYS B 100 27.40 8.62 9.99
CA LYS B 100 26.78 8.49 8.69
C LYS B 100 25.60 9.42 8.66
N ILE B 101 25.31 10.13 9.75
CA ILE B 101 24.11 10.91 9.82
C ILE B 101 24.34 12.41 9.82
N ALA B 102 23.90 13.09 8.78
CA ALA B 102 24.00 14.54 8.71
C ALA B 102 23.06 15.26 9.68
N ALA B 103 21.83 14.76 9.91
CA ALA B 103 20.88 15.35 10.85
C ALA B 103 19.66 14.42 11.06
N GLY B 104 18.94 14.47 12.18
CA GLY B 104 17.72 13.71 12.34
C GLY B 104 16.59 14.71 12.24
N VAL B 105 15.53 14.47 11.49
CA VAL B 105 14.37 15.35 11.43
C VAL B 105 13.16 14.64 12.05
N PHE B 106 12.41 15.26 12.95
CA PHE B 106 11.33 14.61 13.68
C PHE B 106 10.09 15.26 13.12
N HIS B 107 9.18 14.49 12.49
CA HIS B 107 7.97 14.99 11.86
C HIS B 107 6.81 14.53 12.73
N ASN B 108 6.27 15.44 13.57
CA ASN B 108 5.23 15.14 14.57
C ASN B 108 5.59 13.85 15.28
N SER B 109 6.82 13.84 15.80
CA SER B 109 7.43 12.64 16.29
C SER B 109 7.90 12.73 17.70
N LEU B 110 7.93 11.56 18.31
CA LEU B 110 8.64 11.34 19.56
C LEU B 110 10.05 11.92 19.41
N LEU B 111 10.54 12.58 20.45
CA LEU B 111 11.89 13.13 20.46
C LEU B 111 12.48 12.55 21.75
N PRO B 112 13.06 11.34 21.69
CA PRO B 112 13.76 10.75 22.83
C PRO B 112 14.92 11.61 23.36
N ASP B 113 15.43 11.35 24.56
CA ASP B 113 16.53 12.14 25.06
C ASP B 113 17.60 11.19 25.58
N THR B 114 18.60 11.68 26.29
CA THR B 114 19.66 10.78 26.76
C THR B 114 19.57 10.54 28.25
N VAL B 115 18.94 11.52 28.91
CA VAL B 115 18.78 11.47 30.36
C VAL B 115 17.77 10.50 30.92
N HIS B 116 16.64 10.19 30.26
CA HIS B 116 15.65 9.29 30.83
C HIS B 116 15.69 7.97 30.05
N SER B 117 14.91 6.92 30.38
CA SER B 117 15.03 5.67 29.62
C SER B 117 14.55 5.90 28.19
N PRO B 118 14.81 4.98 27.23
CA PRO B 118 14.18 4.99 25.91
C PRO B 118 12.64 5.03 25.91
N SER B 119 11.85 4.47 26.87
CA SER B 119 10.40 4.60 26.84
C SER B 119 9.82 5.88 27.44
N TYR B 120 10.63 6.87 27.87
CA TYR B 120 10.12 8.04 28.56
C TYR B 120 9.12 8.84 27.77
N THR B 121 9.39 9.18 26.52
CA THR B 121 8.44 9.95 25.75
C THR B 121 7.23 9.13 25.36
N VAL B 122 7.30 7.78 25.39
CA VAL B 122 6.15 6.95 25.04
C VAL B 122 5.22 7.07 26.24
N GLU B 123 5.71 6.96 27.48
CA GLU B 123 4.91 7.16 28.70
C GLU B 123 4.20 8.50 28.72
N LYS B 124 5.00 9.51 28.37
CA LYS B 124 4.47 10.86 28.26
C LYS B 124 3.39 11.00 27.20
N LEU B 125 3.61 10.45 26.00
CA LEU B 125 2.61 10.46 24.96
C LEU B 125 1.36 9.78 25.49
N LEU B 126 1.47 8.66 26.18
CA LEU B 126 0.25 7.96 26.53
C LEU B 126 -0.54 8.64 27.63
N GLU B 127 0.18 9.38 28.44
CA GLU B 127 -0.40 10.20 29.47
C GLU B 127 -1.23 11.30 28.85
N SER B 128 -0.64 11.86 27.80
CA SER B 128 -1.24 12.91 26.98
C SER B 128 -2.42 12.45 26.14
N PHE B 129 -2.35 11.25 25.57
CA PHE B 129 -3.38 10.78 24.67
C PHE B 129 -3.58 9.35 25.10
N PRO B 130 -4.43 9.10 26.09
CA PRO B 130 -4.57 7.78 26.69
C PRO B 130 -5.60 6.86 26.03
N ASP B 131 -6.56 7.43 25.30
CA ASP B 131 -7.60 6.59 24.76
C ASP B 131 -7.40 6.46 23.27
N TRP B 132 -7.08 5.25 22.82
CA TRP B 132 -6.85 5.08 21.39
C TRP B 132 -8.07 4.61 20.64
N ARG B 133 -9.20 4.94 21.26
CA ARG B 133 -10.54 4.78 20.76
C ARG B 133 -10.87 3.40 20.28
N ASP B 134 -11.17 3.16 19.02
CA ASP B 134 -11.43 1.84 18.48
C ASP B 134 -10.21 0.96 18.17
N THR B 135 -8.98 1.34 18.57
CA THR B 135 -7.79 0.51 18.37
C THR B 135 -7.90 -0.86 19.07
N GLU B 136 -7.53 -2.00 18.51
CA GLU B 136 -7.62 -3.26 19.25
C GLU B 136 -6.21 -3.63 19.64
N TYR B 137 -6.02 -4.39 20.74
CA TYR B 137 -4.73 -4.76 21.27
C TYR B 137 -4.65 -6.27 21.35
N PHE B 138 -3.45 -6.83 21.28
CA PHE B 138 -3.24 -8.27 21.28
C PHE B 138 -1.93 -8.47 22.00
N THR B 139 -1.51 -9.67 22.39
CA THR B 139 -0.22 -9.84 23.02
C THR B 139 0.39 -11.12 22.52
N PHE B 140 1.70 -11.28 22.59
CA PHE B 140 2.35 -12.54 22.33
C PHE B 140 3.53 -12.45 23.29
N THR B 141 4.26 -13.54 23.49
CA THR B 141 5.44 -13.59 24.37
C THR B 141 6.63 -13.67 23.41
N ASN B 142 7.63 -12.83 23.59
CA ASN B 142 8.74 -12.80 22.68
C ASN B 142 9.72 -13.90 23.05
N ILE B 143 10.86 -14.00 22.38
CA ILE B 143 11.65 -15.18 22.60
C ILE B 143 12.29 -15.15 23.96
N THR B 144 12.41 -14.07 24.73
CA THR B 144 13.00 -14.19 26.04
C THR B 144 11.93 -14.17 27.12
N GLY B 145 10.64 -14.30 26.79
CA GLY B 145 9.65 -14.40 27.84
C GLY B 145 8.88 -13.14 28.04
N GLU B 146 9.21 -12.00 27.44
CA GLU B 146 8.44 -10.80 27.69
C GLU B 146 7.12 -10.81 26.94
N THR B 147 6.11 -10.17 27.49
CA THR B 147 4.81 -10.07 26.85
C THR B 147 4.86 -8.80 26.05
N ILE B 148 4.55 -8.89 24.77
CA ILE B 148 4.63 -7.76 23.88
C ILE B 148 3.20 -7.49 23.51
N THR B 149 2.80 -6.24 23.61
CA THR B 149 1.45 -5.86 23.24
C THR B 149 1.43 -5.31 21.82
N THR B 150 0.59 -5.82 20.92
CA THR B 150 0.48 -5.31 19.57
C THR B 150 -0.84 -4.58 19.43
N MET B 151 -0.98 -3.75 18.42
CA MET B 151 -2.25 -3.10 18.20
C MET B 151 -2.56 -3.13 16.73
N LYS B 152 -3.85 -3.03 16.50
CA LYS B 152 -4.42 -2.86 15.18
C LYS B 152 -5.14 -1.52 15.34
N LEU B 153 -4.67 -0.46 14.70
CA LEU B 153 -5.25 0.85 14.80
C LEU B 153 -6.69 0.86 14.25
N GLY B 154 -7.55 1.59 14.99
CA GLY B 154 -8.96 1.63 14.70
C GLY B 154 -9.21 2.64 13.61
N PHE B 155 -10.16 2.36 12.74
CA PHE B 155 -10.47 3.23 11.63
C PHE B 155 -11.01 4.58 12.02
N VAL B 156 -11.76 4.74 13.12
CA VAL B 156 -12.18 6.07 13.57
C VAL B 156 -10.95 6.84 14.04
N LEU B 157 -10.06 6.18 14.79
CA LEU B 157 -8.85 6.84 15.20
C LEU B 157 -8.09 7.22 13.92
N LEU B 158 -7.91 6.33 12.96
CA LEU B 158 -7.24 6.65 11.70
C LEU B 158 -7.88 7.87 11.04
N ARG B 159 -9.23 7.93 11.00
CA ARG B 159 -9.90 9.01 10.31
C ARG B 159 -9.85 10.36 11.04
N GLU B 160 -10.08 10.37 12.33
CA GLU B 160 -10.20 11.62 13.06
C GLU B 160 -8.91 12.07 13.68
N ASN B 161 -8.03 11.15 14.10
CA ASN B 161 -6.83 11.58 14.83
C ASN B 161 -5.53 11.64 14.05
N LEU B 162 -5.35 10.67 13.14
CA LEU B 162 -4.15 10.60 12.34
C LEU B 162 -4.25 11.32 11.00
N PHE B 163 -5.26 10.92 10.22
CA PHE B 163 -5.50 11.41 8.87
C PHE B 163 -6.58 12.49 8.83
N THR B 164 -6.68 13.29 9.90
CA THR B 164 -7.73 14.29 10.11
C THR B 164 -8.14 15.07 8.86
N LYS B 165 -7.15 15.64 8.20
CA LYS B 165 -7.40 16.52 7.07
C LYS B 165 -6.98 15.87 5.76
N CYS B 166 -6.70 14.57 5.73
CA CYS B 166 -6.23 13.95 4.50
C CYS B 166 -7.44 13.72 3.60
N THR B 167 -7.12 13.68 2.33
CA THR B 167 -7.99 13.32 1.25
C THR B 167 -8.62 11.95 1.54
N ASP B 168 -9.79 11.72 1.00
CA ASP B 168 -10.41 10.43 1.08
C ASP B 168 -9.67 9.30 0.43
N GLY B 169 -8.96 9.58 -0.67
CA GLY B 169 -8.11 8.59 -1.29
C GLY B 169 -6.95 8.19 -0.40
N GLU B 170 -6.50 9.17 0.42
CA GLU B 170 -5.40 8.90 1.31
C GLU B 170 -5.82 8.10 2.50
N TYR B 171 -6.96 8.49 3.08
CA TYR B 171 -7.50 7.71 4.19
C TYR B 171 -7.82 6.27 3.76
N GLU B 172 -8.41 6.13 2.60
CA GLU B 172 -8.76 4.82 2.08
C GLU B 172 -7.53 3.98 1.82
N LEU B 173 -6.45 4.52 1.26
CA LEU B 173 -5.19 3.80 1.05
C LEU B 173 -4.76 3.30 2.41
N ALA B 174 -4.78 4.17 3.42
CA ALA B 174 -4.32 3.83 4.77
C ALA B 174 -4.98 2.57 5.31
N LYS B 175 -6.30 2.46 5.16
CA LYS B 175 -7.03 1.30 5.55
C LYS B 175 -6.65 0.11 4.72
N MET B 176 -6.35 0.30 3.44
CA MET B 176 -5.98 -0.83 2.61
C MET B 176 -4.62 -1.45 2.93
N VAL B 177 -3.67 -0.73 3.54
CA VAL B 177 -2.33 -1.30 3.78
C VAL B 177 -1.77 -1.26 5.19
N MET B 178 -2.57 -0.77 6.15
CA MET B 178 -2.17 -0.71 7.54
C MET B 178 -1.98 -2.11 8.11
N ARG B 179 -0.95 -2.20 8.95
CA ARG B 179 -0.46 -3.44 9.51
C ARG B 179 -0.53 -3.30 11.01
N LYS B 180 -0.41 -4.41 11.71
CA LYS B 180 -0.27 -4.36 13.15
C LYS B 180 1.06 -3.73 13.53
N GLY B 181 1.18 -3.24 14.77
CA GLY B 181 2.42 -2.62 15.21
C GLY B 181 2.61 -2.75 16.71
N SER B 182 3.80 -2.44 17.23
CA SER B 182 4.10 -2.49 18.64
C SER B 182 5.19 -1.46 18.91
N LEU B 183 4.94 -0.87 20.06
CA LEU B 183 5.85 0.08 20.69
C LEU B 183 6.94 -0.71 21.41
N PHE B 184 6.75 -2.01 21.75
CA PHE B 184 7.65 -2.81 22.59
C PHE B 184 8.01 -1.95 23.81
N GLN B 185 7.02 -1.33 24.47
CA GLN B 185 7.30 -0.31 25.46
C GLN B 185 8.06 -0.79 26.68
N ASN B 186 7.64 -1.94 27.17
CA ASN B 186 8.33 -2.57 28.28
C ASN B 186 9.75 -3.00 27.97
N VAL B 187 10.11 -3.27 26.70
CA VAL B 187 11.46 -3.68 26.37
C VAL B 187 12.26 -2.36 26.28
N LEU B 188 11.67 -1.28 25.76
CA LEU B 188 12.26 0.06 25.74
C LEU B 188 12.54 0.50 27.18
N ALA B 189 11.62 0.30 28.13
CA ALA B 189 11.84 0.56 29.55
C ALA B 189 13.04 -0.17 30.12
N GLN B 190 13.41 -1.34 29.60
CA GLN B 190 14.59 -2.04 30.07
C GLN B 190 15.83 -1.71 29.27
N ARG B 191 15.71 -0.93 28.19
CA ARG B 191 16.84 -0.67 27.29
C ARG B 191 17.84 0.38 27.83
N PRO B 192 19.15 0.23 27.66
CA PRO B 192 20.12 1.29 27.91
C PRO B 192 19.71 2.60 27.29
N LYS B 193 19.88 3.69 28.02
CA LYS B 193 19.55 5.00 27.51
C LYS B 193 20.35 5.30 26.28
N PHE B 194 19.85 6.21 25.43
CA PHE B 194 20.54 6.61 24.22
C PHE B 194 21.81 7.34 24.60
N THR B 195 22.92 7.22 23.86
CA THR B 195 24.19 7.76 24.29
C THR B 195 24.30 9.20 23.89
N GLU B 196 25.19 9.86 24.63
CA GLU B 196 25.50 11.25 24.31
C GLU B 196 26.40 11.29 23.12
N LYS B 197 27.33 10.37 23.00
CA LYS B 197 28.20 10.42 21.85
C LYS B 197 27.54 10.13 20.50
N GLY B 198 26.44 9.40 20.52
CA GLY B 198 25.82 8.96 19.29
C GLY B 198 24.61 9.84 19.11
N TYR B 199 23.49 9.40 19.66
CA TYR B 199 22.24 10.11 19.44
C TYR B 199 22.33 11.53 19.94
N GLY B 200 22.95 11.68 21.11
CA GLY B 200 23.08 13.00 21.73
C GLY B 200 23.87 14.00 20.87
N SER B 201 24.77 13.65 19.96
CA SER B 201 25.53 14.61 19.22
C SER B 201 24.93 15.01 17.87
N ILE B 202 23.96 14.26 17.37
CA ILE B 202 23.26 14.46 16.10
C ILE B 202 22.57 15.81 15.98
N LYS B 203 22.56 16.45 14.82
CA LYS B 203 21.76 17.69 14.67
C LYS B 203 20.30 17.27 14.66
N LYS B 204 19.39 18.01 15.28
CA LYS B 204 17.99 17.64 15.44
C LYS B 204 17.08 18.77 15.06
N VAL B 205 16.18 18.52 14.08
CA VAL B 205 15.18 19.47 13.60
C VAL B 205 13.78 18.90 13.88
N TYR B 206 12.89 19.64 14.51
CA TYR B 206 11.58 19.15 14.89
C TYR B 206 10.50 19.83 14.09
N ILE B 207 9.78 19.16 13.23
CA ILE B 207 8.69 19.74 12.44
C ILE B 207 7.36 19.36 13.08
N TRP B 208 6.43 20.28 13.31
CA TRP B 208 5.15 19.87 13.86
C TRP B 208 4.07 20.84 13.42
N THR B 209 2.82 20.59 13.79
CA THR B 209 1.69 21.49 13.61
C THR B 209 0.86 21.37 14.89
N ASP B 210 0.30 22.51 15.34
CA ASP B 210 -0.56 22.47 16.52
C ASP B 210 -1.94 21.95 16.19
N GLN B 211 -2.19 21.65 14.91
CA GLN B 211 -3.44 21.03 14.52
C GLN B 211 -3.39 19.50 14.53
N ASP B 212 -2.32 18.90 15.07
CA ASP B 212 -2.20 17.47 15.14
C ASP B 212 -3.16 16.96 16.22
N LYS B 213 -4.05 16.07 15.81
CA LYS B 213 -5.01 15.50 16.74
C LYS B 213 -4.63 14.23 17.49
N ILE B 214 -3.36 13.86 17.55
CA ILE B 214 -2.97 12.71 18.35
C ILE B 214 -1.66 13.01 19.12
N PHE B 215 -0.67 13.74 18.57
CA PHE B 215 0.51 14.22 19.31
C PHE B 215 0.08 15.66 19.55
N LEU B 216 -0.64 15.86 20.65
CA LEU B 216 -1.30 17.13 20.95
C LEU B 216 -0.36 18.29 21.27
N PRO B 217 -0.72 19.58 21.13
CA PRO B 217 0.15 20.76 21.29
C PRO B 217 0.96 20.78 22.56
N ASP B 218 0.36 20.51 23.70
CA ASP B 218 1.11 20.53 24.93
C ASP B 218 2.02 19.35 25.03
N PHE B 219 1.76 18.18 24.46
CA PHE B 219 2.73 17.11 24.47
C PHE B 219 3.92 17.51 23.54
N GLN B 220 3.67 18.05 22.35
CA GLN B 220 4.76 18.41 21.48
C GLN B 220 5.53 19.55 22.14
N ARG B 221 4.87 20.54 22.74
CA ARG B 221 5.58 21.60 23.43
C ARG B 221 6.37 21.07 24.60
N TRP B 222 5.86 20.05 25.31
CA TRP B 222 6.59 19.42 26.42
C TRP B 222 7.87 18.83 25.86
N GLN B 223 7.81 18.19 24.70
CA GLN B 223 8.97 17.54 24.14
C GLN B 223 10.08 18.50 23.80
N ILE B 224 9.70 19.63 23.21
CA ILE B 224 10.64 20.65 22.81
C ILE B 224 11.36 21.22 24.03
N ALA B 225 10.61 21.39 25.11
CA ALA B 225 11.15 21.92 26.33
C ALA B 225 11.96 20.85 27.03
N ASN B 226 11.58 19.59 26.90
CA ASN B 226 12.34 18.54 27.53
C ASN B 226 13.69 18.35 26.84
N TYR B 227 13.80 18.50 25.52
CA TYR B 227 15.08 18.22 24.90
C TYR B 227 15.12 19.15 23.71
N LYS B 228 15.49 20.42 23.94
CA LYS B 228 15.44 21.43 22.90
C LYS B 228 16.20 21.06 21.64
N PRO B 229 15.55 21.00 20.47
CA PRO B 229 16.16 20.64 19.19
C PRO B 229 17.02 21.77 18.69
N ASP B 230 17.84 21.55 17.67
CA ASP B 230 18.57 22.65 17.05
C ASP B 230 17.67 23.70 16.36
N LYS B 231 16.60 23.22 15.73
CA LYS B 231 15.63 24.03 15.01
C LYS B 231 14.25 23.42 15.18
N VAL B 232 13.20 24.22 15.31
CA VAL B 232 11.80 23.78 15.39
C VAL B 232 11.16 24.58 14.27
N TYR B 233 10.44 23.86 13.41
CA TYR B 233 9.64 24.51 12.37
C TYR B 233 8.20 24.17 12.65
N GLN B 234 7.32 25.15 12.76
CA GLN B 234 5.93 24.85 13.00
C GLN B 234 5.20 25.16 11.71
N VAL B 235 4.39 24.21 11.22
CA VAL B 235 3.63 24.35 9.98
C VAL B 235 2.24 24.80 10.36
N GLN B 236 1.56 25.73 9.69
CA GLN B 236 0.21 26.04 10.16
C GLN B 236 -0.73 25.07 9.49
N GLY B 237 -1.76 24.62 10.20
CA GLY B 237 -2.79 23.78 9.60
C GLY B 237 -2.38 22.34 9.40
N GLY B 238 -2.87 21.63 8.37
CA GLY B 238 -2.51 20.23 8.19
C GLY B 238 -3.11 19.39 9.33
N ASP B 239 -2.48 18.27 9.58
CA ASP B 239 -2.95 17.31 10.59
C ASP B 239 -1.71 16.52 10.98
N HIS B 240 -1.81 15.38 11.65
CA HIS B 240 -0.64 14.57 11.99
C HIS B 240 0.22 14.15 10.78
N LYS B 241 -0.42 13.91 9.62
CA LYS B 241 0.29 13.44 8.43
C LYS B 241 0.68 14.59 7.53
N LEU B 242 1.46 15.53 8.05
CA LEU B 242 1.98 16.65 7.27
C LEU B 242 2.66 16.21 5.98
N GLN B 243 3.19 14.99 5.84
CA GLN B 243 3.80 14.67 4.56
C GLN B 243 2.72 14.39 3.49
N LEU B 244 1.47 14.30 3.91
CA LEU B 244 0.32 14.17 3.03
C LEU B 244 -0.42 15.50 2.92
N THR B 245 -0.70 16.18 4.03
CA THR B 245 -1.43 17.44 3.97
C THR B 245 -0.61 18.70 3.72
N LYS B 246 0.68 18.69 4.03
CA LYS B 246 1.51 19.86 3.83
C LYS B 246 2.74 19.40 3.09
N THR B 247 2.60 18.56 2.07
CA THR B 247 3.76 17.98 1.42
C THR B 247 4.78 18.99 0.94
N GLU B 248 4.39 20.04 0.23
CA GLU B 248 5.38 20.94 -0.29
C GLU B 248 6.06 21.73 0.80
N GLU B 249 5.36 21.93 1.91
CA GLU B 249 5.91 22.65 3.03
C GLU B 249 7.02 21.88 3.71
N VAL B 250 6.79 20.59 3.95
CA VAL B 250 7.77 19.73 4.56
C VAL B 250 8.96 19.69 3.62
N ALA B 251 8.77 19.58 2.30
CA ALA B 251 9.84 19.50 1.31
C ALA B 251 10.69 20.74 1.36
N HIS B 252 10.05 21.88 1.57
CA HIS B 252 10.75 23.11 1.72
C HIS B 252 11.54 23.18 3.03
N ILE B 253 11.00 22.72 4.14
CA ILE B 253 11.76 22.68 5.37
C ILE B 253 12.93 21.73 5.16
N LEU B 254 12.71 20.52 4.60
CA LEU B 254 13.75 19.55 4.36
C LEU B 254 14.85 20.08 3.46
N GLN B 255 14.53 20.99 2.55
CA GLN B 255 15.53 21.70 1.78
C GLN B 255 16.39 22.60 2.68
N GLU B 256 15.79 23.28 3.67
CA GLU B 256 16.58 24.09 4.59
C GLU B 256 17.50 23.28 5.47
N VAL B 257 17.09 22.06 5.79
CA VAL B 257 17.90 21.12 6.58
C VAL B 257 19.08 20.65 5.73
N ALA B 258 18.86 20.33 4.43
CA ALA B 258 19.92 19.94 3.51
C ALA B 258 20.90 21.10 3.42
N ASP B 259 20.45 22.33 3.17
CA ASP B 259 21.32 23.51 3.11
C ASP B 259 22.20 23.71 4.34
N ALA B 260 21.55 23.58 5.49
CA ALA B 260 22.22 23.68 6.77
C ALA B 260 23.13 22.51 7.17
N TYR B 261 22.80 21.24 6.88
CA TYR B 261 23.59 20.14 7.39
C TYR B 261 24.18 19.21 6.36
N ALA B 262 24.02 19.75 5.14
CA ALA B 262 24.57 19.37 3.84
C ALA B 262 24.43 17.89 3.58
C ACT C . -0.11 -7.50 -15.41
O ACT C . -0.12 -6.42 -16.25
OXT ACT C . -0.75 -8.66 -15.79
CH3 ACT C . 0.62 -7.40 -14.06
C ACT D . 1.15 5.89 16.05
O ACT D . 0.98 6.96 15.22
OXT ACT D . 1.94 6.03 17.15
CH3 ACT D . 0.47 4.56 15.71
#